data_6DFJ
#
_entry.id   6DFJ
#
_cell.length_a   60.540
_cell.length_b   91.600
_cell.length_c   187.140
_cell.angle_alpha   90.000
_cell.angle_beta   90.000
_cell.angle_gamma   90.000
#
_symmetry.space_group_name_H-M   'C 2 2 21'
#
loop_
_entity.id
_entity.type
_entity.pdbx_description
1 polymer 'anti-Zika antibody Z021, Heavy Chain'
2 polymer 'anti-Zika antibody Z021, Light Chain'
3 polymer 'Dengue 1 Envelope DIII domain'
4 water water
#
loop_
_entity_poly.entity_id
_entity_poly.type
_entity_poly.pdbx_seq_one_letter_code
_entity_poly.pdbx_strand_id
1 'polypeptide(L)'
;QVQLQESGPGLVKPSETLSLTCTVSGGSIDTYYWSWIRQTPGKGLEWIGCFYYSVDNHFNPSLESRVTISVDTSKNQFSL
KMTSMTASDTAVYYCARNQPGGRAFDYWGPGTLVTVSSASTKGPSVFPLAPSSKSTSGGTAALGCLVKDYFPEPVTVSWN
SGALTSGVHTFPAVLQSSGLYSLSSVVTVPSSSLGTQTYICNVNHKPSNTKVDKRVEPKSCDKTHHHHHH
;
H
2 'polypeptide(L)'
;EIVLTQSPATLSLSPGQRATLSCRASQSVSNYFAWYQQKPGQAPRLLIYDTSKRATGTPARFSGSGSGTDFTLTISSLEP
EDFAVYYCQERNNWPLTWTFGLGTKVEIKRTVAAPSVFIFPPSDEQLKSGTASVVCLLNNFYPREAKVQWKVDNALQSGN
SQESVTEQDSKDSTYSLSSTLTLSKADYEKHKVYACEVTHQGLSSPVTKSFNRGEC
;
L
3 'polypeptide(L)'
;SYVMCTGSFKLEKEVAETQHGTVLVQVKYEGTDAPCKIPFSSQDEKGVTQNGRLITANPIVTDKEKPVNIEAEPPFGESY
IVVGAGEKALKLSWFKKGS
;
E
#
# COMPACT_ATOMS: atom_id res chain seq x y z
N GLN A 1 9.78 12.57 -4.61
CA GLN A 1 8.68 13.53 -4.60
C GLN A 1 7.61 13.15 -5.62
N VAL A 2 7.87 12.13 -6.44
CA VAL A 2 6.79 11.56 -7.23
C VAL A 2 5.76 10.96 -6.29
N GLN A 3 4.52 11.43 -6.38
CA GLN A 3 3.41 10.94 -5.55
C GLN A 3 2.18 10.68 -6.41
N LEU A 4 1.42 9.66 -6.03
CA LEU A 4 0.23 9.25 -6.75
C LEU A 4 -0.94 9.17 -5.77
N GLN A 5 -2.14 9.49 -6.26
CA GLN A 5 -3.33 9.49 -5.41
C GLN A 5 -4.50 8.91 -6.21
N GLU A 6 -4.99 7.74 -5.81
CA GLU A 6 -6.19 7.17 -6.38
C GLU A 6 -7.44 7.86 -5.84
N SER A 7 -8.48 7.91 -6.65
CA SER A 7 -9.78 8.40 -6.24
C SER A 7 -10.83 7.52 -6.87
N GLY A 8 -11.71 6.97 -6.03
CA GLY A 8 -12.72 6.06 -6.50
C GLY A 8 -13.97 6.13 -5.64
N PRO A 9 -14.97 5.31 -5.97
CA PRO A 9 -16.29 5.45 -5.36
C PRO A 9 -16.54 4.60 -4.13
N GLY A 10 -15.56 3.79 -3.70
CA GLY A 10 -15.79 2.86 -2.61
C GLY A 10 -16.68 1.71 -3.03
N LEU A 11 -17.91 2.03 -3.42
CA LEU A 11 -18.94 1.06 -3.72
C LEU A 11 -19.21 1.04 -5.22
N VAL A 12 -19.44 -0.14 -5.78
CA VAL A 12 -19.95 -0.28 -7.13
C VAL A 12 -20.89 -1.48 -7.14
N LYS A 13 -22.09 -1.28 -7.68
CA LYS A 13 -23.06 -2.36 -7.73
C LYS A 13 -22.59 -3.45 -8.70
N PRO A 14 -22.98 -4.69 -8.46
CA PRO A 14 -22.57 -5.77 -9.37
C PRO A 14 -23.06 -5.51 -10.78
N SER A 15 -22.22 -5.87 -11.76
CA SER A 15 -22.41 -5.75 -13.21
C SER A 15 -22.18 -4.33 -13.73
N GLU A 16 -22.03 -3.33 -12.87
CA GLU A 16 -21.75 -1.99 -13.33
C GLU A 16 -20.25 -1.81 -13.56
N THR A 17 -19.86 -0.63 -14.03
CA THR A 17 -18.48 -0.34 -14.38
C THR A 17 -17.78 0.43 -13.27
N LEU A 18 -16.54 0.05 -12.98
CA LEU A 18 -15.72 0.77 -12.02
C LEU A 18 -14.89 1.83 -12.74
N SER A 19 -14.94 3.07 -12.25
CA SER A 19 -14.12 4.15 -12.75
C SER A 19 -13.24 4.67 -11.63
N LEU A 20 -11.92 4.66 -11.84
CA LEU A 20 -10.96 5.21 -10.91
C LEU A 20 -10.10 6.23 -11.62
N THR A 21 -9.57 7.17 -10.87
CA THR A 21 -8.63 8.16 -11.39
C THR A 21 -7.38 8.16 -10.53
N CYS A 22 -6.23 8.27 -11.19
CA CYS A 22 -4.96 8.50 -10.50
C CYS A 22 -4.49 9.90 -10.83
N THR A 23 -4.19 10.67 -9.79
CA THR A 23 -3.62 12.01 -9.94
C THR A 23 -2.18 11.95 -9.49
N VAL A 24 -1.25 12.34 -10.36
CA VAL A 24 0.17 12.25 -10.08
C VAL A 24 0.71 13.64 -9.81
N SER A 25 1.63 13.72 -8.84
CA SER A 25 2.36 14.97 -8.61
C SER A 25 3.85 14.63 -8.55
N GLY A 26 4.66 15.66 -8.74
CA GLY A 26 6.11 15.51 -8.69
C GLY A 26 6.74 15.07 -10.01
N GLY A 27 5.95 14.95 -11.06
CA GLY A 27 6.45 14.53 -12.35
C GLY A 27 5.30 14.38 -13.32
N SER A 28 5.65 14.42 -14.60
CA SER A 28 4.65 14.36 -15.64
C SER A 28 4.43 12.94 -16.11
N ILE A 29 3.16 12.57 -16.30
CA ILE A 29 2.80 11.25 -16.78
C ILE A 29 2.97 11.14 -18.30
N ASP A 30 3.56 12.17 -18.93
CA ASP A 30 3.78 12.09 -20.37
C ASP A 30 4.99 11.25 -20.74
N THR A 31 5.82 10.87 -19.77
CA THR A 31 6.92 9.94 -19.99
C THR A 31 6.87 8.86 -18.90
N TYR A 32 7.57 7.76 -19.18
CA TYR A 32 7.63 6.56 -18.35
C TYR A 32 6.33 5.77 -18.41
N TYR A 33 6.38 4.54 -17.94
CA TYR A 33 5.21 3.68 -17.84
C TYR A 33 4.55 3.86 -16.49
N TRP A 34 3.22 3.78 -16.48
CA TRP A 34 2.39 3.92 -15.29
C TRP A 34 1.34 2.82 -15.30
N SER A 35 1.06 2.25 -14.13
CA SER A 35 0.29 1.01 -14.03
C SER A 35 -0.86 1.12 -13.03
N TRP A 36 -1.83 0.22 -13.20
CA TRP A 36 -2.83 -0.09 -12.19
C TRP A 36 -2.56 -1.50 -11.65
N ILE A 37 -2.62 -1.64 -10.33
CA ILE A 37 -2.38 -2.90 -9.63
C ILE A 37 -3.47 -3.04 -8.58
N ARG A 38 -3.92 -4.26 -8.31
CA ARG A 38 -4.90 -4.46 -7.24
C ARG A 38 -4.43 -5.54 -6.28
N GLN A 39 -4.92 -5.48 -5.05
CA GLN A 39 -4.59 -6.45 -4.02
C GLN A 39 -5.87 -6.91 -3.33
N THR A 40 -6.11 -8.22 -3.35
CA THR A 40 -7.23 -8.85 -2.67
C THR A 40 -6.72 -9.73 -1.53
N PRO A 41 -7.47 -9.85 -0.44
CA PRO A 41 -6.99 -10.71 0.67
C PRO A 41 -6.71 -12.13 0.24
N GLY A 42 -7.61 -12.73 -0.53
CA GLY A 42 -7.48 -14.13 -0.91
C GLY A 42 -6.48 -14.41 -2.02
N LYS A 43 -6.23 -13.43 -2.90
CA LYS A 43 -5.46 -13.69 -4.11
C LYS A 43 -4.17 -12.88 -4.23
N GLY A 44 -3.92 -11.90 -3.38
CA GLY A 44 -2.67 -11.17 -3.42
C GLY A 44 -2.64 -10.03 -4.43
N LEU A 45 -1.43 -9.63 -4.78
CA LEU A 45 -1.23 -8.53 -5.73
C LEU A 45 -1.37 -9.02 -7.16
N GLU A 46 -2.10 -8.26 -7.97
CA GLU A 46 -2.33 -8.59 -9.38
C GLU A 46 -2.15 -7.34 -10.21
N TRP A 47 -1.22 -7.40 -11.19
CA TRP A 47 -1.03 -6.27 -12.10
C TRP A 47 -2.18 -6.24 -13.10
N ILE A 48 -2.70 -5.04 -13.36
CA ILE A 48 -3.86 -4.89 -14.23
C ILE A 48 -3.40 -4.43 -15.61
N GLY A 49 -2.73 -3.28 -15.69
CA GLY A 49 -2.28 -2.79 -16.98
C GLY A 49 -1.38 -1.60 -16.82
N CYS A 50 -0.80 -1.16 -17.93
CA CYS A 50 0.08 0.01 -17.95
C CYS A 50 -0.07 0.74 -19.28
N PHE A 51 0.43 1.97 -19.30
CA PHE A 51 0.52 2.75 -20.52
C PHE A 51 1.80 3.57 -20.51
N TYR A 52 2.24 3.89 -21.72
CA TYR A 52 3.18 4.96 -21.99
C TYR A 52 2.47 5.93 -22.91
N TYR A 53 2.32 7.18 -22.48
CA TYR A 53 1.46 8.15 -23.16
C TYR A 53 1.81 8.29 -24.64
N SER A 54 0.79 8.14 -25.48
CA SER A 54 0.90 8.29 -26.93
C SER A 54 1.88 7.29 -27.54
N VAL A 55 2.08 6.15 -26.89
CA VAL A 55 3.00 5.15 -27.43
C VAL A 55 2.33 3.77 -27.46
N ASP A 56 2.13 3.18 -26.29
CA ASP A 56 1.53 1.84 -26.25
C ASP A 56 0.91 1.61 -24.87
N ASN A 57 0.13 0.54 -24.78
CA ASN A 57 -0.39 0.09 -23.50
C ASN A 57 -0.43 -1.43 -23.50
N HIS A 58 -0.18 -2.00 -22.32
CA HIS A 58 -0.17 -3.44 -22.12
C HIS A 58 -1.10 -3.78 -20.97
N PHE A 59 -1.82 -4.89 -21.10
CA PHE A 59 -2.77 -5.33 -20.09
C PHE A 59 -2.53 -6.78 -19.74
N ASN A 60 -2.93 -7.13 -18.53
CA ASN A 60 -2.91 -8.51 -18.03
C ASN A 60 -3.86 -9.36 -18.87
N PRO A 61 -3.38 -10.45 -19.48
CA PRO A 61 -4.28 -11.27 -20.33
C PRO A 61 -5.54 -11.71 -19.62
N SER A 62 -5.51 -11.83 -18.29
CA SER A 62 -6.69 -12.24 -17.56
C SER A 62 -7.80 -11.18 -17.59
N LEU A 63 -7.42 -9.90 -17.68
CA LEU A 63 -8.37 -8.81 -17.54
C LEU A 63 -8.50 -7.95 -18.80
N GLU A 64 -7.85 -8.32 -19.90
CA GLU A 64 -7.77 -7.43 -21.07
C GLU A 64 -9.15 -6.98 -21.54
N SER A 65 -10.12 -7.89 -21.58
CA SER A 65 -11.39 -7.59 -22.23
C SER A 65 -12.31 -6.71 -21.40
N ARG A 66 -12.04 -6.55 -20.12
CA ARG A 66 -12.90 -5.74 -19.26
C ARG A 66 -12.29 -4.40 -18.91
N VAL A 67 -11.07 -4.12 -19.38
CA VAL A 67 -10.24 -3.07 -18.81
C VAL A 67 -9.75 -2.15 -19.93
N THR A 68 -9.85 -0.85 -19.70
CA THR A 68 -9.27 0.18 -20.55
C THR A 68 -8.68 1.28 -19.68
N ILE A 69 -7.69 1.99 -20.23
CA ILE A 69 -7.03 3.10 -19.58
C ILE A 69 -7.09 4.31 -20.49
N SER A 70 -7.45 5.46 -19.94
CA SER A 70 -7.37 6.73 -20.63
C SER A 70 -6.46 7.67 -19.85
N VAL A 71 -5.98 8.71 -20.51
CA VAL A 71 -4.96 9.61 -19.98
C VAL A 71 -5.39 11.05 -20.28
N ASP A 72 -5.29 11.91 -19.27
CA ASP A 72 -5.55 13.34 -19.40
C ASP A 72 -4.32 14.05 -18.87
N THR A 73 -3.39 14.36 -19.77
CA THR A 73 -2.11 14.96 -19.37
C THR A 73 -2.26 16.40 -18.92
N SER A 74 -3.32 17.10 -19.36
CA SER A 74 -3.52 18.46 -18.90
C SER A 74 -3.84 18.52 -17.42
N LYS A 75 -4.31 17.42 -16.83
CA LYS A 75 -4.54 17.34 -15.40
C LYS A 75 -3.55 16.41 -14.71
N ASN A 76 -2.60 15.83 -15.46
CA ASN A 76 -1.68 14.83 -14.91
C ASN A 76 -2.45 13.68 -14.25
N GLN A 77 -3.52 13.25 -14.91
CA GLN A 77 -4.35 12.18 -14.44
C GLN A 77 -4.45 11.07 -15.48
N PHE A 78 -4.65 9.84 -14.99
CA PHE A 78 -5.05 8.75 -15.85
C PHE A 78 -6.06 7.92 -15.08
N SER A 79 -6.87 7.15 -15.82
CA SER A 79 -8.03 6.51 -15.22
C SER A 79 -8.08 5.03 -15.61
N LEU A 80 -8.78 4.25 -14.78
CA LEU A 80 -9.06 2.86 -15.07
C LEU A 80 -10.56 2.67 -15.23
N LYS A 81 -10.93 1.90 -16.25
CA LYS A 81 -12.31 1.49 -16.50
C LYS A 81 -12.35 -0.03 -16.45
N MET A 82 -13.18 -0.58 -15.58
CA MET A 82 -13.37 -2.03 -15.51
C MET A 82 -14.86 -2.32 -15.52
N THR A 83 -15.31 -2.99 -16.57
CA THR A 83 -16.72 -3.29 -16.77
C THR A 83 -17.11 -4.60 -16.10
N SER A 84 -18.41 -4.77 -15.88
CA SER A 84 -18.96 -6.01 -15.37
C SER A 84 -18.30 -6.42 -14.07
N MET A 85 -18.33 -5.51 -13.09
CA MET A 85 -17.71 -5.78 -11.81
C MET A 85 -18.43 -6.93 -11.12
N THR A 86 -17.66 -7.87 -10.61
CA THR A 86 -18.17 -9.00 -9.83
C THR A 86 -17.69 -8.89 -8.38
N ALA A 87 -18.30 -9.69 -7.50
CA ALA A 87 -17.93 -9.68 -6.10
C ALA A 87 -16.45 -9.99 -5.89
N SER A 88 -15.89 -10.85 -6.74
CA SER A 88 -14.47 -11.19 -6.68
C SER A 88 -13.56 -10.05 -7.13
N ASP A 89 -14.11 -8.93 -7.62
CA ASP A 89 -13.30 -7.76 -7.95
C ASP A 89 -13.15 -6.80 -6.78
N THR A 90 -13.74 -7.10 -5.64
CA THR A 90 -13.50 -6.31 -4.44
C THR A 90 -12.04 -6.41 -4.04
N ALA A 91 -11.37 -5.26 -3.96
CA ALA A 91 -9.94 -5.23 -3.74
C ALA A 91 -9.50 -3.80 -3.49
N VAL A 92 -8.29 -3.67 -2.98
CA VAL A 92 -7.62 -2.37 -2.93
C VAL A 92 -6.95 -2.15 -4.28
N TYR A 93 -7.28 -1.04 -4.92
CA TYR A 93 -6.72 -0.72 -6.23
C TYR A 93 -5.67 0.38 -6.06
N TYR A 94 -4.49 0.15 -6.61
CA TYR A 94 -3.35 1.07 -6.59
C TYR A 94 -3.02 1.54 -8.00
N CYS A 95 -2.59 2.78 -8.11
CA CYS A 95 -1.82 3.20 -9.27
C CYS A 95 -0.36 3.32 -8.88
N ALA A 96 0.53 3.22 -9.87
CA ALA A 96 1.94 3.18 -9.57
C ALA A 96 2.75 3.56 -10.81
N ARG A 97 3.94 4.10 -10.57
CA ARG A 97 4.89 4.32 -11.65
C ARG A 97 5.74 3.07 -11.85
N ASN A 98 5.88 2.62 -13.10
CA ASN A 98 6.89 1.62 -13.43
C ASN A 98 8.28 2.24 -13.34
N GLN A 99 9.20 1.52 -12.71
CA GLN A 99 10.55 2.02 -12.53
C GLN A 99 11.23 2.23 -13.87
N PRO A 100 11.73 3.43 -14.17
CA PRO A 100 12.44 3.65 -15.44
C PRO A 100 13.68 2.78 -15.53
N GLY A 101 13.86 2.15 -16.70
CA GLY A 101 14.99 1.27 -16.88
C GLY A 101 14.99 0.04 -16.00
N GLY A 102 13.84 -0.31 -15.42
CA GLY A 102 13.77 -1.47 -14.53
C GLY A 102 12.49 -2.25 -14.72
N ARG A 103 12.36 -3.28 -13.90
CA ARG A 103 11.27 -4.23 -14.03
C ARG A 103 10.26 -4.12 -12.90
N ALA A 104 10.46 -3.19 -11.97
CA ALA A 104 9.67 -3.06 -10.76
C ALA A 104 8.77 -1.83 -10.84
N PHE A 105 8.11 -1.52 -9.73
CA PHE A 105 7.29 -0.31 -9.59
C PHE A 105 7.89 0.50 -8.45
N ASP A 106 8.41 1.70 -8.75
CA ASP A 106 9.17 2.41 -7.72
C ASP A 106 8.35 3.39 -6.87
N TYR A 107 7.15 3.79 -7.30
CA TYR A 107 6.29 4.63 -6.48
C TYR A 107 4.86 4.15 -6.58
N TRP A 108 4.15 4.18 -5.44
CA TRP A 108 2.79 3.65 -5.35
C TRP A 108 1.87 4.69 -4.72
N GLY A 109 0.61 4.70 -5.15
CA GLY A 109 -0.41 5.45 -4.44
C GLY A 109 -0.81 4.74 -3.15
N PRO A 110 -1.59 5.39 -2.28
CA PRO A 110 -1.98 4.72 -1.03
C PRO A 110 -3.00 3.62 -1.25
N GLY A 111 -3.68 3.60 -2.39
CA GLY A 111 -4.70 2.61 -2.70
C GLY A 111 -6.08 3.03 -2.26
N THR A 112 -7.08 2.58 -3.01
CA THR A 112 -8.49 2.82 -2.68
C THR A 112 -9.23 1.48 -2.69
N LEU A 113 -9.94 1.20 -1.60
CA LEU A 113 -10.70 -0.04 -1.49
C LEU A 113 -11.99 0.07 -2.30
N VAL A 114 -12.21 -0.91 -3.17
CA VAL A 114 -13.43 -0.97 -3.97
C VAL A 114 -14.23 -2.19 -3.50
N THR A 115 -15.47 -1.95 -3.09
CA THR A 115 -16.36 -3.00 -2.62
C THR A 115 -17.50 -3.15 -3.62
N VAL A 116 -17.61 -4.33 -4.20
CA VAL A 116 -18.70 -4.63 -5.13
C VAL A 116 -19.85 -5.17 -4.29
N SER A 117 -20.94 -4.42 -4.23
CA SER A 117 -22.08 -4.75 -3.39
C SER A 117 -23.29 -3.99 -3.88
N SER A 118 -24.46 -4.49 -3.53
CA SER A 118 -25.71 -3.80 -3.84
C SER A 118 -26.31 -3.13 -2.62
N ALA A 119 -25.62 -3.19 -1.47
CA ALA A 119 -26.05 -2.43 -0.31
C ALA A 119 -25.72 -0.96 -0.52
N SER A 120 -26.34 -0.11 0.29
CA SER A 120 -26.19 1.33 0.14
C SER A 120 -25.13 1.86 1.08
N THR A 121 -24.48 2.93 0.66
CA THR A 121 -23.49 3.59 1.49
C THR A 121 -24.15 4.15 2.75
N LYS A 122 -23.48 3.98 3.89
CA LYS A 122 -23.95 4.55 5.13
C LYS A 122 -22.77 5.15 5.87
N GLY A 123 -22.89 6.42 6.23
CA GLY A 123 -21.86 7.10 6.98
C GLY A 123 -21.94 6.78 8.46
N PRO A 124 -20.79 6.84 9.14
CA PRO A 124 -20.75 6.42 10.55
C PRO A 124 -21.26 7.51 11.49
N SER A 125 -21.63 7.06 12.69
CA SER A 125 -21.79 7.94 13.84
C SER A 125 -20.52 7.84 14.68
N VAL A 126 -20.07 8.98 15.20
CA VAL A 126 -18.81 9.06 15.94
C VAL A 126 -19.11 9.50 17.37
N PHE A 127 -18.67 8.70 18.35
CA PHE A 127 -18.93 9.00 19.73
C PHE A 127 -17.64 9.05 20.53
N PRO A 128 -17.52 9.96 21.49
CA PRO A 128 -16.30 10.02 22.29
C PRO A 128 -16.14 8.82 23.20
N LEU A 129 -14.90 8.42 23.40
CA LEU A 129 -14.51 7.48 24.46
C LEU A 129 -13.69 8.31 25.45
N ALA A 130 -14.37 8.85 26.45
CA ALA A 130 -13.79 9.88 27.29
C ALA A 130 -12.90 9.26 28.35
N PRO A 131 -11.78 9.90 28.70
CA PRO A 131 -10.95 9.43 29.81
C PRO A 131 -11.60 9.79 31.13
N SER A 132 -12.05 8.77 31.85
CA SER A 132 -12.64 8.97 33.17
C SER A 132 -11.67 8.48 34.23
N SER A 133 -12.17 8.33 35.46
CA SER A 133 -11.37 7.68 36.49
C SER A 133 -11.16 6.20 36.23
N LYS A 134 -11.93 5.61 35.31
CA LYS A 134 -11.83 4.20 34.98
C LYS A 134 -11.00 3.94 33.73
N SER A 135 -10.30 4.97 33.23
CA SER A 135 -9.39 4.86 32.10
C SER A 135 -7.99 5.31 32.46
N THR A 136 -7.61 5.21 33.74
CA THR A 136 -6.28 5.59 34.20
C THR A 136 -5.54 4.39 34.74
N SER A 137 -4.34 4.16 34.21
CA SER A 137 -3.42 3.12 34.65
C SER A 137 -2.21 3.84 35.22
N GLY A 138 -2.29 4.19 36.50
CA GLY A 138 -1.26 5.00 37.12
C GLY A 138 -1.26 6.41 36.56
N GLY A 139 -0.13 6.83 36.01
CA GLY A 139 0.00 8.14 35.42
C GLY A 139 -0.46 8.24 33.98
N THR A 140 -1.10 7.19 33.45
CA THR A 140 -1.45 7.12 32.03
C THR A 140 -2.97 7.04 31.88
N ALA A 141 -3.51 7.87 30.98
CA ALA A 141 -4.93 7.86 30.67
C ALA A 141 -5.16 7.46 29.23
N ALA A 142 -6.22 6.69 29.00
CA ALA A 142 -6.64 6.31 27.66
C ALA A 142 -7.93 7.05 27.31
N LEU A 143 -8.05 7.38 26.02
CA LEU A 143 -9.22 8.04 25.45
C LEU A 143 -9.33 7.60 24.00
N GLY A 144 -10.46 7.90 23.36
CA GLY A 144 -10.62 7.48 21.99
C GLY A 144 -11.93 7.94 21.39
N CYS A 145 -12.23 7.39 20.21
CA CYS A 145 -13.48 7.60 19.51
C CYS A 145 -14.02 6.26 19.04
N LEU A 146 -15.34 6.12 19.11
CA LEU A 146 -16.04 4.95 18.60
C LEU A 146 -16.74 5.34 17.30
N VAL A 147 -16.45 4.60 16.22
CA VAL A 147 -16.94 4.93 14.89
C VAL A 147 -17.91 3.84 14.48
N LYS A 148 -19.21 4.12 14.60
CA LYS A 148 -20.23 3.08 14.59
C LYS A 148 -21.10 3.16 13.35
N ASP A 149 -21.39 1.99 12.77
CA ASP A 149 -22.45 1.80 11.78
C ASP A 149 -22.17 2.46 10.43
N TYR A 150 -21.16 1.95 9.71
CA TYR A 150 -20.87 2.46 8.38
C TYR A 150 -20.74 1.31 7.40
N PHE A 151 -20.91 1.64 6.11
CA PHE A 151 -20.72 0.71 5.02
C PHE A 151 -20.44 1.51 3.77
N PRO A 152 -19.54 1.05 2.88
CA PRO A 152 -18.68 -0.10 3.08
C PRO A 152 -17.42 0.34 3.82
N GLU A 153 -16.44 -0.55 3.94
CA GLU A 153 -15.12 -0.14 4.39
C GLU A 153 -14.49 0.76 3.34
N PRO A 154 -13.49 1.58 3.73
CA PRO A 154 -12.92 1.79 5.05
C PRO A 154 -13.25 3.14 5.70
N VAL A 155 -13.03 3.20 7.01
CA VAL A 155 -12.95 4.44 7.77
C VAL A 155 -11.49 4.65 8.11
N THR A 156 -11.02 5.90 8.04
CA THR A 156 -9.72 6.23 8.60
C THR A 156 -9.87 7.23 9.73
N VAL A 157 -8.96 7.15 10.69
CA VAL A 157 -8.97 8.01 11.85
C VAL A 157 -7.57 8.59 12.02
N SER A 158 -7.50 9.90 12.17
CA SER A 158 -6.29 10.54 12.66
C SER A 158 -6.62 11.25 13.96
N TRP A 159 -5.59 11.71 14.64
CA TRP A 159 -5.75 12.47 15.87
C TRP A 159 -5.03 13.80 15.71
N ASN A 160 -5.72 14.87 16.11
CA ASN A 160 -5.20 16.24 15.97
C ASN A 160 -4.63 16.49 14.58
N SER A 161 -5.35 16.00 13.56
CA SER A 161 -5.01 16.22 12.15
C SER A 161 -3.63 15.65 11.79
N GLY A 162 -3.20 14.61 12.50
CA GLY A 162 -1.91 13.98 12.22
C GLY A 162 -0.82 14.28 13.23
N ALA A 163 -0.97 15.33 14.05
CA ALA A 163 0.06 15.69 15.01
C ALA A 163 0.12 14.77 16.21
N LEU A 164 -0.86 13.90 16.41
CA LEU A 164 -0.85 12.94 17.52
C LEU A 164 -0.90 11.55 16.91
N THR A 165 0.25 10.88 16.92
CA THR A 165 0.41 9.52 16.44
C THR A 165 0.93 8.57 17.52
N SER A 166 1.74 9.05 18.46
CA SER A 166 2.31 8.19 19.49
C SER A 166 1.20 7.61 20.36
N GLY A 167 1.22 6.30 20.57
CA GLY A 167 0.26 5.62 21.41
C GLY A 167 -1.10 5.39 20.79
N VAL A 168 -1.29 5.73 19.53
CA VAL A 168 -2.59 5.56 18.88
C VAL A 168 -2.74 4.12 18.42
N HIS A 169 -3.90 3.52 18.68
CA HIS A 169 -4.25 2.23 18.09
C HIS A 169 -5.63 2.35 17.47
N THR A 170 -5.71 2.18 16.16
CA THR A 170 -6.99 2.18 15.48
C THR A 170 -7.31 0.76 15.07
N PHE A 171 -8.36 0.21 15.63
CA PHE A 171 -8.59 -1.22 15.50
C PHE A 171 -9.16 -1.59 14.13
N PRO A 172 -8.86 -2.79 13.64
CA PRO A 172 -9.57 -3.31 12.45
C PRO A 172 -11.07 -3.31 12.71
N ALA A 173 -11.84 -2.98 11.68
CA ALA A 173 -13.29 -2.93 11.82
C ALA A 173 -13.86 -4.31 12.17
N VAL A 174 -14.94 -4.32 12.95
CA VAL A 174 -15.73 -5.53 13.14
C VAL A 174 -16.98 -5.42 12.30
N LEU A 175 -17.44 -6.55 11.80
CA LEU A 175 -18.69 -6.66 11.08
C LEU A 175 -19.79 -6.99 12.09
N GLN A 176 -20.77 -6.10 12.19
CA GLN A 176 -21.89 -6.28 13.09
C GLN A 176 -22.98 -7.12 12.42
N SER A 177 -23.89 -7.65 13.25
CA SER A 177 -24.98 -8.48 12.72
C SER A 177 -25.79 -7.72 11.68
N SER A 178 -25.86 -6.40 11.81
CA SER A 178 -26.61 -5.55 10.89
C SER A 178 -25.99 -5.50 9.50
N GLY A 179 -24.79 -6.03 9.29
CA GLY A 179 -24.08 -5.83 8.04
C GLY A 179 -23.27 -4.55 7.99
N LEU A 180 -23.38 -3.69 9.00
CA LEU A 180 -22.62 -2.47 9.11
C LEU A 180 -21.34 -2.70 9.93
N TYR A 181 -20.30 -1.94 9.59
CA TYR A 181 -19.02 -2.06 10.27
C TYR A 181 -18.92 -1.08 11.44
N SER A 182 -18.03 -1.40 12.36
CA SER A 182 -17.72 -0.58 13.53
C SER A 182 -16.25 -0.69 13.83
N LEU A 183 -15.64 0.40 14.30
CA LEU A 183 -14.29 0.31 14.85
C LEU A 183 -14.13 1.38 15.93
N SER A 184 -13.09 1.20 16.74
CA SER A 184 -12.63 2.21 17.68
C SER A 184 -11.19 2.60 17.37
N SER A 185 -10.85 3.82 17.74
CA SER A 185 -9.48 4.32 17.75
C SER A 185 -9.20 4.83 19.14
N VAL A 186 -8.07 4.41 19.73
CA VAL A 186 -7.72 4.81 21.09
C VAL A 186 -6.32 5.37 21.12
N VAL A 187 -6.02 6.13 22.17
CA VAL A 187 -4.68 6.67 22.40
C VAL A 187 -4.47 6.77 23.91
N THR A 188 -3.24 6.51 24.36
CA THR A 188 -2.83 6.68 25.76
C THR A 188 -1.98 7.94 25.89
N VAL A 189 -2.24 8.72 26.94
CA VAL A 189 -1.65 10.05 27.13
C VAL A 189 -1.40 10.27 28.62
N PRO A 190 -0.66 11.32 29.01
CA PRO A 190 -0.46 11.57 30.46
C PRO A 190 -1.78 11.93 31.15
N SER A 191 -2.02 11.30 32.30
CA SER A 191 -3.22 11.64 33.05
C SER A 191 -3.18 13.06 33.59
N SER A 192 -1.98 13.59 33.84
CA SER A 192 -1.81 14.89 34.49
C SER A 192 -2.32 16.07 33.67
N SER A 193 -2.43 15.95 32.36
CA SER A 193 -2.69 17.10 31.51
C SER A 193 -3.96 16.94 30.67
N LEU A 194 -4.91 16.14 31.15
CA LEU A 194 -6.17 15.93 30.43
C LEU A 194 -6.96 17.22 30.23
N GLY A 195 -6.84 18.17 31.15
CA GLY A 195 -7.55 19.42 31.06
C GLY A 195 -6.79 20.55 30.40
N THR A 196 -5.64 20.27 29.80
CA THR A 196 -4.82 21.32 29.21
C THR A 196 -4.44 20.97 27.77
N GLN A 197 -4.38 19.69 27.45
CA GLN A 197 -4.16 19.27 26.07
C GLN A 197 -5.51 19.03 25.38
N THR A 198 -5.49 19.09 24.06
CA THR A 198 -6.70 18.95 23.25
C THR A 198 -6.57 17.73 22.37
N TYR A 199 -7.57 16.84 22.44
CA TYR A 199 -7.58 15.59 21.69
C TYR A 199 -8.81 15.57 20.80
N ILE A 200 -8.59 15.63 19.50
CA ILE A 200 -9.64 15.58 18.50
C ILE A 200 -9.34 14.40 17.58
N CYS A 201 -10.34 13.54 17.38
CA CYS A 201 -10.23 12.48 16.39
C CYS A 201 -10.87 12.95 15.08
N ASN A 202 -10.19 12.71 13.98
CA ASN A 202 -10.66 13.11 12.65
C ASN A 202 -11.04 11.84 11.91
N VAL A 203 -12.35 11.64 11.73
CA VAL A 203 -12.87 10.43 11.11
C VAL A 203 -13.16 10.72 9.64
N ASN A 204 -12.67 9.85 8.76
CA ASN A 204 -12.95 9.98 7.34
C ASN A 204 -13.56 8.68 6.83
N HIS A 205 -14.74 8.80 6.21
CA HIS A 205 -15.42 7.70 5.51
C HIS A 205 -15.62 8.14 4.06
N LYS A 206 -14.62 7.87 3.22
CA LYS A 206 -14.66 8.32 1.82
C LYS A 206 -15.91 7.89 1.06
N PRO A 207 -16.42 6.66 1.18
CA PRO A 207 -17.59 6.28 0.36
C PRO A 207 -18.82 7.16 0.56
N SER A 208 -18.91 7.90 1.67
CA SER A 208 -20.06 8.79 1.90
C SER A 208 -19.65 10.24 2.04
N ASN A 209 -18.43 10.60 1.65
CA ASN A 209 -17.91 11.97 1.79
C ASN A 209 -18.14 12.52 3.18
N THR A 210 -18.03 11.65 4.18
CA THR A 210 -18.25 12.00 5.58
C THR A 210 -16.91 12.33 6.23
N LYS A 211 -16.83 13.52 6.82
CA LYS A 211 -15.69 13.94 7.61
C LYS A 211 -16.22 14.48 8.93
N VAL A 212 -15.85 13.84 10.03
CA VAL A 212 -16.31 14.23 11.36
C VAL A 212 -15.10 14.44 12.25
N ASP A 213 -15.05 15.57 12.92
CA ASP A 213 -14.08 15.84 13.98
C ASP A 213 -14.83 15.85 15.31
N LYS A 214 -14.40 15.02 16.25
CA LYS A 214 -15.04 14.90 17.55
C LYS A 214 -14.04 15.28 18.62
N ARG A 215 -14.39 16.29 19.43
CA ARG A 215 -13.59 16.67 20.58
C ARG A 215 -13.78 15.64 21.69
N VAL A 216 -12.69 15.16 22.25
CA VAL A 216 -12.75 14.14 23.31
C VAL A 216 -12.26 14.77 24.60
N GLU A 217 -13.20 15.02 25.51
CA GLU A 217 -12.95 15.64 26.80
C GLU A 217 -13.40 14.72 27.93
N PRO A 218 -12.82 14.85 29.12
CA PRO A 218 -13.16 13.92 30.21
C PRO A 218 -14.55 14.16 30.77
N LYS A 219 -15.03 13.15 31.49
CA LYS A 219 -16.04 13.29 32.55
C LYS A 219 -16.28 11.93 33.21
N GLU B 1 2.15 -16.77 -16.86
CA GLU B 1 3.32 -17.53 -17.32
C GLU B 1 4.20 -17.94 -16.13
N ILE B 2 5.09 -17.05 -15.71
CA ILE B 2 5.96 -17.34 -14.60
C ILE B 2 5.16 -17.37 -13.30
N VAL B 3 5.54 -18.27 -12.40
CA VAL B 3 4.85 -18.44 -11.12
C VAL B 3 5.90 -18.39 -10.02
N LEU B 4 5.74 -17.46 -9.09
CA LEU B 4 6.69 -17.27 -8.01
C LEU B 4 6.15 -17.89 -6.72
N THR B 5 6.95 -18.75 -6.09
CA THR B 5 6.59 -19.37 -4.83
C THR B 5 7.53 -18.85 -3.75
N GLN B 6 6.97 -18.25 -2.69
CA GLN B 6 7.76 -17.71 -1.59
C GLN B 6 7.72 -18.66 -0.41
N SER B 7 8.86 -18.79 0.27
CA SER B 7 9.02 -19.64 1.44
C SER B 7 9.78 -18.85 2.50
N PRO B 8 9.38 -18.97 3.77
CA PRO B 8 8.18 -19.69 4.21
C PRO B 8 6.99 -18.74 4.23
N ALA B 9 5.78 -19.27 4.50
CA ALA B 9 4.60 -18.41 4.50
C ALA B 9 4.71 -17.35 5.59
N THR B 10 5.20 -17.75 6.76
CA THR B 10 5.35 -16.88 7.90
C THR B 10 6.71 -17.13 8.53
N LEU B 11 7.38 -16.07 8.93
CA LEU B 11 8.65 -16.15 9.64
C LEU B 11 8.47 -15.40 10.95
N SER B 12 8.86 -16.03 12.05
CA SER B 12 8.72 -15.46 13.38
C SER B 12 10.07 -15.50 14.07
N LEU B 13 10.73 -14.35 14.16
CA LEU B 13 12.08 -14.30 14.70
C LEU B 13 12.18 -13.17 15.72
N SER B 14 13.20 -13.29 16.61
CA SER B 14 13.50 -12.32 17.64
C SER B 14 14.36 -11.20 17.07
N PRO B 15 14.24 -9.97 17.60
CA PRO B 15 15.05 -8.87 17.07
C PRO B 15 16.53 -9.16 17.21
N GLY B 16 17.29 -8.70 16.23
CA GLY B 16 18.69 -9.01 16.13
C GLY B 16 19.00 -10.27 15.34
N GLN B 17 18.00 -11.12 15.09
CA GLN B 17 18.26 -12.35 14.34
C GLN B 17 18.29 -12.07 12.84
N ARG B 18 18.82 -13.04 12.10
CA ARG B 18 18.95 -12.95 10.66
C ARG B 18 17.76 -13.65 10.01
N ALA B 19 17.17 -13.00 9.00
CA ALA B 19 15.99 -13.51 8.33
C ALA B 19 16.29 -13.68 6.84
N THR B 20 16.02 -14.87 6.31
CA THR B 20 16.19 -15.13 4.88
C THR B 20 14.86 -15.58 4.29
N LEU B 21 14.42 -14.86 3.26
CA LEU B 21 13.18 -15.14 2.57
C LEU B 21 13.49 -15.61 1.16
N SER B 22 12.83 -16.69 0.73
CA SER B 22 13.12 -17.30 -0.56
C SER B 22 12.01 -17.00 -1.55
N CYS B 23 12.41 -16.80 -2.82
CA CYS B 23 11.49 -16.64 -3.93
C CYS B 23 11.91 -17.61 -5.02
N ARG B 24 11.13 -18.66 -5.24
CA ARG B 24 11.40 -19.65 -6.27
C ARG B 24 10.50 -19.40 -7.47
N ALA B 25 11.08 -19.43 -8.66
CA ALA B 25 10.38 -19.19 -9.90
C ALA B 25 10.13 -20.50 -10.64
N SER B 26 8.96 -20.61 -11.29
CA SER B 26 8.64 -21.82 -12.04
C SER B 26 9.50 -21.95 -13.30
N GLN B 27 9.85 -20.83 -13.93
CA GLN B 27 10.80 -20.83 -15.05
C GLN B 27 11.61 -19.55 -15.01
N SER B 28 12.81 -19.61 -15.59
CA SER B 28 13.69 -18.45 -15.60
C SER B 28 13.25 -17.44 -16.64
N VAL B 29 13.31 -16.17 -16.28
CA VAL B 29 13.01 -15.09 -17.23
C VAL B 29 14.22 -14.16 -17.27
N SER B 30 14.31 -13.25 -16.30
CA SER B 30 15.49 -12.40 -16.14
C SER B 30 16.14 -12.70 -14.80
N ASN B 31 17.34 -12.18 -14.62
CA ASN B 31 18.06 -12.28 -13.36
C ASN B 31 17.86 -11.04 -12.48
N TYR B 32 16.78 -10.29 -12.69
CA TYR B 32 16.59 -8.99 -12.04
C TYR B 32 15.22 -8.96 -11.36
N PHE B 33 15.17 -9.42 -10.11
CA PHE B 33 13.97 -9.54 -9.30
C PHE B 33 13.84 -8.38 -8.33
N ALA B 34 12.60 -8.12 -7.91
CA ALA B 34 12.29 -7.02 -7.01
C ALA B 34 11.65 -7.57 -5.74
N TRP B 35 11.83 -6.83 -4.64
CA TRP B 35 11.23 -7.13 -3.36
C TRP B 35 10.48 -5.91 -2.86
N TYR B 36 9.28 -6.12 -2.33
CA TYR B 36 8.45 -5.07 -1.75
C TYR B 36 8.18 -5.39 -0.28
N GLN B 37 8.13 -4.35 0.53
CA GLN B 37 7.80 -4.44 1.96
C GLN B 37 6.48 -3.71 2.17
N GLN B 38 5.50 -4.39 2.74
CA GLN B 38 4.19 -3.80 2.97
C GLN B 38 3.88 -3.85 4.46
N LYS B 39 3.89 -2.70 5.09
CA LYS B 39 3.53 -2.58 6.48
C LYS B 39 2.02 -2.37 6.62
N PRO B 40 1.46 -2.70 7.79
CA PRO B 40 0.01 -2.66 7.94
C PRO B 40 -0.60 -1.34 7.47
N GLY B 41 -1.61 -1.45 6.60
CA GLY B 41 -2.34 -0.30 6.13
C GLY B 41 -1.64 0.54 5.09
N GLN B 42 -0.43 0.18 4.69
CA GLN B 42 0.32 0.92 3.69
C GLN B 42 0.32 0.21 2.35
N ALA B 43 0.65 0.95 1.31
CA ALA B 43 0.93 0.34 0.02
C ALA B 43 2.24 -0.43 0.10
N PRO B 44 2.44 -1.43 -0.77
CA PRO B 44 3.77 -2.01 -0.89
C PRO B 44 4.80 -0.93 -1.21
N ARG B 45 6.00 -1.11 -0.67
CA ARG B 45 7.10 -0.17 -0.83
C ARG B 45 8.26 -0.90 -1.52
N LEU B 46 8.81 -0.29 -2.58
CA LEU B 46 9.93 -0.92 -3.27
C LEU B 46 11.13 -0.99 -2.33
N LEU B 47 11.61 -2.21 -2.09
CA LEU B 47 12.67 -2.46 -1.11
C LEU B 47 14.00 -2.77 -1.78
N ILE B 48 14.04 -3.82 -2.61
CA ILE B 48 15.22 -4.20 -3.37
C ILE B 48 14.78 -4.39 -4.82
N TYR B 49 15.63 -4.02 -5.76
CA TYR B 49 15.34 -4.22 -7.17
C TYR B 49 16.59 -4.69 -7.89
N ASP B 50 16.39 -5.23 -9.09
CA ASP B 50 17.47 -5.86 -9.85
C ASP B 50 18.23 -6.84 -8.96
N THR B 51 17.47 -7.67 -8.24
CA THR B 51 17.93 -8.75 -7.39
C THR B 51 18.73 -8.30 -6.18
N SER B 52 19.59 -7.28 -6.32
CA SER B 52 20.48 -6.94 -5.22
C SER B 52 20.60 -5.45 -4.92
N LYS B 53 19.95 -4.57 -5.65
CA LYS B 53 20.15 -3.14 -5.45
C LYS B 53 19.14 -2.59 -4.45
N ARG B 54 19.62 -1.80 -3.49
CA ARG B 54 18.76 -1.22 -2.47
C ARG B 54 17.99 -0.03 -3.06
N ALA B 55 16.67 -0.06 -2.95
CA ALA B 55 15.89 1.09 -3.34
C ALA B 55 16.17 2.25 -2.38
N THR B 56 15.76 3.44 -2.80
CA THR B 56 15.93 4.60 -1.95
C THR B 56 15.16 4.43 -0.64
N GLY B 57 15.81 4.77 0.47
CA GLY B 57 15.22 4.58 1.78
C GLY B 57 15.40 3.19 2.38
N THR B 58 15.98 2.25 1.63
CA THR B 58 16.15 0.89 2.15
C THR B 58 17.39 0.81 3.02
N PRO B 59 17.29 0.33 4.26
CA PRO B 59 18.46 0.29 5.14
C PRO B 59 19.48 -0.74 4.69
N ALA B 60 20.69 -0.62 5.26
CA ALA B 60 21.77 -1.51 4.86
C ALA B 60 21.52 -2.95 5.28
N ARG B 61 20.71 -3.16 6.31
CA ARG B 61 20.49 -4.53 6.77
C ARG B 61 19.69 -5.37 5.79
N PHE B 62 19.16 -4.77 4.73
CA PHE B 62 18.44 -5.51 3.68
C PHE B 62 19.39 -5.80 2.52
N SER B 63 19.47 -7.06 2.14
CA SER B 63 20.27 -7.44 0.98
C SER B 63 19.49 -8.46 0.16
N GLY B 64 19.76 -8.46 -1.15
CA GLY B 64 19.14 -9.43 -2.02
C GLY B 64 20.18 -10.21 -2.79
N SER B 65 19.82 -11.41 -3.23
CA SER B 65 20.71 -12.23 -4.04
C SER B 65 19.86 -13.22 -4.82
N GLY B 66 20.50 -13.95 -5.71
CA GLY B 66 19.82 -15.01 -6.46
C GLY B 66 20.33 -15.11 -7.89
N SER B 67 20.25 -16.31 -8.44
CA SER B 67 20.78 -16.56 -9.78
C SER B 67 19.67 -16.48 -10.81
N GLY B 68 19.01 -17.59 -11.11
CA GLY B 68 18.04 -17.61 -12.17
C GLY B 68 16.69 -18.17 -11.77
N THR B 69 16.70 -19.20 -10.93
CA THR B 69 15.48 -19.91 -10.59
C THR B 69 14.99 -19.64 -9.17
N ASP B 70 15.85 -19.19 -8.27
CA ASP B 70 15.36 -18.75 -6.97
C ASP B 70 16.25 -17.61 -6.46
N PHE B 71 15.59 -16.70 -5.77
CA PHE B 71 16.21 -15.47 -5.31
C PHE B 71 15.93 -15.32 -3.83
N THR B 72 16.74 -14.50 -3.17
CA THR B 72 16.77 -14.48 -1.72
C THR B 72 16.81 -13.04 -1.24
N LEU B 73 15.94 -12.73 -0.28
CA LEU B 73 16.02 -11.49 0.48
C LEU B 73 16.53 -11.82 1.88
N THR B 74 17.56 -11.10 2.31
CA THR B 74 18.15 -11.29 3.63
C THR B 74 17.96 -10.02 4.46
N ILE B 75 17.50 -10.18 5.70
CA ILE B 75 17.49 -9.11 6.70
C ILE B 75 18.54 -9.47 7.75
N SER B 76 19.63 -8.72 7.79
CA SER B 76 20.80 -9.17 8.54
C SER B 76 20.56 -9.07 10.05
N SER B 77 20.01 -7.95 10.52
CA SER B 77 19.78 -7.74 11.94
C SER B 77 18.36 -7.25 12.09
N LEU B 78 17.46 -8.18 12.42
CA LEU B 78 16.02 -7.90 12.40
C LEU B 78 15.66 -6.92 13.50
N GLU B 79 14.82 -5.95 13.15
CA GLU B 79 14.38 -4.92 14.09
C GLU B 79 12.85 -4.85 14.13
N PRO B 80 12.28 -4.38 15.24
CA PRO B 80 10.81 -4.37 15.37
C PRO B 80 10.09 -3.69 14.23
N GLU B 81 10.63 -2.60 13.70
CA GLU B 81 9.95 -1.91 12.61
C GLU B 81 9.90 -2.75 11.33
N ASP B 82 10.61 -3.88 11.26
CA ASP B 82 10.59 -4.72 10.07
C ASP B 82 9.37 -5.63 10.00
N PHE B 83 8.46 -5.58 10.98
CA PHE B 83 7.20 -6.30 10.90
C PHE B 83 6.47 -5.89 9.63
N ALA B 84 6.26 -6.82 8.71
CA ALA B 84 5.74 -6.50 7.39
C ALA B 84 5.50 -7.80 6.63
N VAL B 85 4.87 -7.66 5.47
CA VAL B 85 4.76 -8.73 4.48
C VAL B 85 5.67 -8.35 3.33
N TYR B 86 6.48 -9.30 2.88
CA TYR B 86 7.48 -9.07 1.85
C TYR B 86 7.11 -9.87 0.61
N TYR B 87 7.02 -9.19 -0.53
CA TYR B 87 6.66 -9.81 -1.80
C TYR B 87 7.84 -9.74 -2.76
N CYS B 88 8.09 -10.82 -3.49
CA CYS B 88 8.99 -10.74 -4.63
C CYS B 88 8.19 -10.56 -5.91
N GLN B 89 8.88 -10.13 -6.97
CA GLN B 89 8.20 -9.75 -8.22
C GLN B 89 9.19 -9.79 -9.37
N GLU B 90 8.71 -10.25 -10.53
CA GLU B 90 9.49 -10.29 -11.76
C GLU B 90 8.57 -9.85 -12.90
N ARG B 91 9.17 -9.41 -14.00
CA ARG B 91 8.43 -9.12 -15.21
C ARG B 91 8.60 -10.29 -16.18
N ASN B 92 7.47 -10.78 -16.69
CA ASN B 92 7.47 -11.79 -17.74
C ASN B 92 7.58 -11.12 -19.10
N ASN B 93 8.48 -11.65 -19.95
CA ASN B 93 8.68 -11.03 -21.26
C ASN B 93 7.57 -11.40 -22.23
N TRP B 94 7.16 -12.65 -22.23
CA TRP B 94 6.20 -13.10 -23.23
C TRP B 94 5.37 -14.24 -22.68
N PRO B 95 4.05 -14.06 -22.50
CA PRO B 95 3.34 -12.79 -22.68
C PRO B 95 3.78 -11.76 -21.64
N LEU B 96 3.73 -10.49 -22.00
CA LEU B 96 4.24 -9.44 -21.12
C LEU B 96 3.35 -9.32 -19.89
N THR B 97 3.93 -9.52 -18.71
CA THR B 97 3.18 -9.30 -17.49
C THR B 97 4.14 -9.16 -16.32
N TRP B 98 3.70 -8.42 -15.30
CA TRP B 98 4.40 -8.29 -14.03
C TRP B 98 3.70 -9.19 -13.01
N THR B 99 4.47 -10.02 -12.31
CA THR B 99 3.88 -11.03 -11.45
C THR B 99 4.55 -11.04 -10.09
N PHE B 100 3.74 -11.19 -9.05
CA PHE B 100 4.13 -11.11 -7.66
C PHE B 100 4.02 -12.49 -7.01
N GLY B 101 4.86 -12.72 -6.01
CA GLY B 101 4.66 -13.86 -5.14
C GLY B 101 3.56 -13.57 -4.12
N LEU B 102 3.20 -14.59 -3.35
CA LEU B 102 2.14 -14.45 -2.37
C LEU B 102 2.59 -13.82 -1.07
N GLY B 103 3.88 -13.55 -0.92
CA GLY B 103 4.36 -12.85 0.25
C GLY B 103 4.77 -13.78 1.38
N THR B 104 5.76 -13.32 2.14
CA THR B 104 6.17 -13.95 3.40
C THR B 104 5.90 -12.94 4.51
N LYS B 105 5.09 -13.33 5.48
CA LYS B 105 4.76 -12.49 6.62
C LYS B 105 5.84 -12.63 7.68
N VAL B 106 6.46 -11.51 8.06
CA VAL B 106 7.52 -11.54 9.07
C VAL B 106 6.94 -11.03 10.38
N GLU B 107 7.01 -11.87 11.42
CA GLU B 107 6.54 -11.51 12.75
C GLU B 107 7.72 -11.38 13.71
N ILE B 108 7.57 -10.50 14.69
CA ILE B 108 8.67 -10.11 15.59
C ILE B 108 8.35 -10.63 16.98
N LYS B 109 9.15 -11.57 17.46
CA LYS B 109 8.99 -12.04 18.83
C LYS B 109 9.55 -11.01 19.80
N ARG B 110 8.98 -10.98 21.00
CA ARG B 110 9.40 -10.07 22.04
C ARG B 110 9.06 -10.71 23.38
N THR B 111 9.52 -10.07 24.46
CA THR B 111 9.24 -10.54 25.80
C THR B 111 7.74 -10.47 26.08
N VAL B 112 7.29 -11.31 27.02
CA VAL B 112 5.92 -11.25 27.48
C VAL B 112 5.63 -9.89 28.10
N ALA B 113 4.46 -9.34 27.80
CA ALA B 113 4.02 -8.08 28.38
C ALA B 113 2.53 -8.17 28.70
N ALA B 114 2.16 -7.80 29.93
CA ALA B 114 0.77 -7.88 30.37
C ALA B 114 -0.03 -6.68 29.84
N PRO B 115 -1.32 -6.87 29.55
CA PRO B 115 -2.12 -5.74 29.05
C PRO B 115 -2.37 -4.72 30.15
N SER B 116 -2.43 -3.46 29.76
CA SER B 116 -3.01 -2.44 30.61
C SER B 116 -4.47 -2.33 30.21
N VAL B 117 -5.37 -2.29 31.19
CA VAL B 117 -6.79 -2.41 30.91
C VAL B 117 -7.53 -1.12 31.26
N PHE B 118 -8.45 -0.72 30.37
CA PHE B 118 -9.23 0.50 30.49
C PHE B 118 -10.67 0.19 30.10
N ILE B 119 -11.62 0.88 30.73
CA ILE B 119 -13.04 0.69 30.44
C ILE B 119 -13.70 2.04 30.22
N PHE B 120 -14.61 2.10 29.25
CA PHE B 120 -15.24 3.35 28.81
C PHE B 120 -16.76 3.19 28.85
N PRO B 121 -17.46 3.94 29.69
CA PRO B 121 -18.93 3.92 29.67
C PRO B 121 -19.47 4.45 28.34
N PRO B 122 -20.73 4.20 28.02
CA PRO B 122 -21.29 4.73 26.78
C PRO B 122 -21.39 6.25 26.81
N SER B 123 -21.34 6.83 25.62
CA SER B 123 -21.38 8.27 25.45
C SER B 123 -22.78 8.81 25.66
N ASP B 124 -22.87 10.05 26.13
CA ASP B 124 -24.18 10.69 26.26
C ASP B 124 -24.84 10.86 24.90
N GLU B 125 -24.06 11.23 23.87
CA GLU B 125 -24.62 11.34 22.52
C GLU B 125 -25.24 10.02 22.08
N GLN B 126 -24.49 8.93 22.22
CA GLN B 126 -25.00 7.62 21.80
C GLN B 126 -26.25 7.24 22.57
N LEU B 127 -26.32 7.60 23.85
CA LEU B 127 -27.43 7.15 24.69
C LEU B 127 -28.77 7.70 24.19
N LYS B 128 -28.78 8.86 23.54
CA LYS B 128 -30.02 9.37 22.96
C LYS B 128 -30.28 8.83 21.56
N SER B 129 -29.46 7.88 21.09
CA SER B 129 -29.90 6.92 20.10
C SER B 129 -30.67 5.84 20.84
N GLY B 130 -30.75 4.64 20.29
CA GLY B 130 -31.33 3.54 21.03
C GLY B 130 -30.36 2.65 21.76
N THR B 131 -29.05 2.86 21.59
CA THR B 131 -28.04 1.84 21.87
C THR B 131 -26.92 2.38 22.76
N ALA B 132 -26.37 1.50 23.60
CA ALA B 132 -25.23 1.83 24.46
C ALA B 132 -24.11 0.82 24.21
N SER B 133 -22.95 1.31 23.79
CA SER B 133 -21.76 0.50 23.64
C SER B 133 -20.79 0.81 24.78
N VAL B 134 -20.37 -0.21 25.51
CA VAL B 134 -19.32 -0.07 26.52
C VAL B 134 -18.07 -0.75 25.98
N VAL B 135 -16.94 -0.07 26.09
CA VAL B 135 -15.72 -0.47 25.42
C VAL B 135 -14.67 -0.79 26.48
N CYS B 136 -14.08 -1.99 26.38
CA CYS B 136 -12.97 -2.40 27.24
C CYS B 136 -11.71 -2.56 26.38
N LEU B 137 -10.64 -1.87 26.78
CA LEU B 137 -9.39 -1.82 26.04
C LEU B 137 -8.30 -2.59 26.78
N LEU B 138 -7.67 -3.52 26.07
CA LEU B 138 -6.45 -4.20 26.53
C LEU B 138 -5.30 -3.66 25.70
N ASN B 139 -4.37 -2.95 26.32
CA ASN B 139 -3.37 -2.18 25.60
C ASN B 139 -1.98 -2.77 25.77
N ASN B 140 -1.28 -2.94 24.64
CA ASN B 140 0.16 -3.17 24.61
C ASN B 140 0.57 -4.45 25.35
N PHE B 141 0.05 -5.57 24.86
CA PHE B 141 0.42 -6.85 25.45
C PHE B 141 1.05 -7.78 24.41
N TYR B 142 1.67 -8.84 24.93
CA TYR B 142 2.32 -9.88 24.12
C TYR B 142 2.45 -11.12 24.99
N PRO B 143 2.20 -12.33 24.46
CA PRO B 143 1.73 -12.59 23.09
C PRO B 143 0.22 -12.40 22.94
N ARG B 144 -0.35 -12.93 21.86
CA ARG B 144 -1.68 -12.49 21.42
C ARG B 144 -2.80 -13.01 22.32
N GLU B 145 -2.72 -14.26 22.75
CA GLU B 145 -3.88 -14.91 23.35
C GLU B 145 -4.28 -14.23 24.66
N ALA B 146 -5.58 -13.95 24.80
CA ALA B 146 -6.11 -13.30 25.99
C ALA B 146 -7.56 -13.72 26.18
N LYS B 147 -8.08 -13.42 27.38
CA LYS B 147 -9.43 -13.81 27.77
C LYS B 147 -10.13 -12.59 28.34
N VAL B 148 -11.15 -12.09 27.65
CA VAL B 148 -11.98 -11.00 28.11
C VAL B 148 -13.36 -11.55 28.45
N GLN B 149 -13.88 -11.17 29.61
CA GLN B 149 -15.22 -11.56 30.05
C GLN B 149 -15.96 -10.33 30.55
N TRP B 150 -17.25 -10.26 30.21
CA TRP B 150 -18.10 -9.16 30.64
C TRP B 150 -19.00 -9.61 31.77
N LYS B 151 -19.07 -8.82 32.83
CA LYS B 151 -20.01 -9.02 33.92
C LYS B 151 -20.87 -7.77 34.06
N VAL B 152 -22.17 -7.95 34.15
CA VAL B 152 -23.13 -6.86 34.32
C VAL B 152 -23.95 -7.18 35.56
N ASP B 153 -23.70 -6.43 36.64
CA ASP B 153 -24.20 -6.78 37.98
C ASP B 153 -23.72 -8.18 38.39
N ASN B 154 -22.54 -8.55 37.91
CA ASN B 154 -21.82 -9.81 38.14
C ASN B 154 -22.42 -11.00 37.41
N ALA B 155 -23.47 -10.81 36.62
CA ALA B 155 -23.91 -11.83 35.69
C ALA B 155 -22.97 -11.88 34.51
N LEU B 156 -22.45 -13.08 34.20
CA LEU B 156 -21.58 -13.24 33.05
C LEU B 156 -22.36 -13.07 31.76
N GLN B 157 -21.86 -12.22 30.87
CA GLN B 157 -22.52 -11.96 29.61
C GLN B 157 -22.05 -12.93 28.54
N SER B 158 -22.86 -13.04 27.47
CA SER B 158 -22.52 -13.85 26.31
C SER B 158 -23.48 -13.55 25.16
N GLY B 159 -22.93 -13.17 24.00
CA GLY B 159 -23.73 -12.96 22.81
C GLY B 159 -23.87 -11.51 22.37
N ASN B 160 -23.45 -10.55 23.19
CA ASN B 160 -23.59 -9.14 22.82
C ASN B 160 -22.26 -8.40 22.89
N SER B 161 -21.15 -9.10 22.66
CA SER B 161 -19.85 -8.44 22.60
C SER B 161 -19.08 -8.89 21.37
N GLN B 162 -18.19 -8.00 20.91
CA GLN B 162 -17.32 -8.29 19.78
C GLN B 162 -15.93 -7.78 20.11
N GLU B 163 -14.92 -8.47 19.57
CA GLU B 163 -13.52 -8.18 19.81
C GLU B 163 -12.82 -7.86 18.50
N SER B 164 -11.73 -7.09 18.62
CA SER B 164 -10.88 -6.76 17.49
C SER B 164 -9.47 -6.54 18.03
N VAL B 165 -8.47 -7.11 17.36
CA VAL B 165 -7.07 -7.03 17.80
C VAL B 165 -6.25 -6.35 16.71
N THR B 166 -5.31 -5.50 17.14
CA THR B 166 -4.43 -4.87 16.16
C THR B 166 -3.37 -5.86 15.70
N GLU B 167 -2.64 -5.47 14.65
CA GLU B 167 -1.39 -6.11 14.28
C GLU B 167 -0.28 -5.65 15.22
N GLN B 168 0.85 -6.36 15.17
CA GLN B 168 1.95 -6.01 16.07
C GLN B 168 2.38 -4.57 15.83
N ASP B 169 2.63 -3.87 16.92
CA ASP B 169 3.06 -2.48 16.87
C ASP B 169 4.45 -2.37 16.24
N SER B 170 4.64 -1.38 15.37
CA SER B 170 5.90 -1.27 14.65
C SER B 170 7.08 -0.90 15.55
N LYS B 171 6.81 -0.40 16.76
CA LYS B 171 7.85 0.04 17.68
C LYS B 171 8.15 -0.97 18.78
N ASP B 172 7.13 -1.47 19.46
CA ASP B 172 7.34 -2.35 20.59
C ASP B 172 6.79 -3.75 20.38
N SER B 173 6.22 -4.04 19.20
CA SER B 173 5.83 -5.38 18.81
C SER B 173 4.68 -5.92 19.64
N THR B 174 3.98 -5.08 20.40
CA THR B 174 2.87 -5.58 21.17
C THR B 174 1.58 -5.60 20.35
N TYR B 175 0.57 -6.22 20.95
CA TYR B 175 -0.79 -6.19 20.46
C TYR B 175 -1.64 -5.29 21.36
N SER B 176 -2.70 -4.76 20.79
CA SER B 176 -3.76 -4.17 21.59
C SER B 176 -5.07 -4.78 21.12
N LEU B 177 -6.07 -4.75 22.01
CA LEU B 177 -7.33 -5.45 21.76
C LEU B 177 -8.48 -4.67 22.37
N SER B 178 -9.56 -4.55 21.62
CA SER B 178 -10.79 -3.92 22.09
C SER B 178 -11.89 -4.97 22.17
N SER B 179 -12.69 -4.90 23.23
CA SER B 179 -13.92 -5.67 23.36
C SER B 179 -15.07 -4.70 23.60
N THR B 180 -16.11 -4.81 22.79
CA THR B 180 -17.22 -3.86 22.83
C THR B 180 -18.49 -4.63 23.17
N LEU B 181 -19.07 -4.33 24.31
CA LEU B 181 -20.38 -4.83 24.65
C LEU B 181 -21.41 -3.83 24.13
N THR B 182 -22.44 -4.35 23.47
CA THR B 182 -23.48 -3.50 22.90
C THR B 182 -24.83 -3.94 23.47
N LEU B 183 -25.48 -3.03 24.17
CA LEU B 183 -26.81 -3.24 24.75
C LEU B 183 -27.75 -2.16 24.23
N SER B 184 -29.05 -2.42 24.34
CA SER B 184 -30.01 -1.35 24.13
C SER B 184 -29.92 -0.36 25.29
N LYS B 185 -30.41 0.86 25.05
CA LYS B 185 -30.49 1.82 26.14
C LYS B 185 -31.39 1.30 27.26
N ALA B 186 -32.42 0.52 26.90
CA ALA B 186 -33.29 -0.07 27.92
C ALA B 186 -32.52 -0.98 28.85
N ASP B 187 -31.85 -2.00 28.31
CA ASP B 187 -31.08 -2.92 29.13
C ASP B 187 -29.95 -2.22 29.86
N TYR B 188 -29.42 -1.12 29.29
CA TYR B 188 -28.29 -0.45 29.92
C TYR B 188 -28.69 0.24 31.22
N GLU B 189 -29.96 0.65 31.34
CA GLU B 189 -30.40 1.34 32.55
C GLU B 189 -30.81 0.35 33.64
N LYS B 190 -31.23 -0.87 33.27
CA LYS B 190 -31.64 -1.86 34.25
C LYS B 190 -30.53 -2.20 35.23
N HIS B 191 -29.27 -1.93 34.86
CA HIS B 191 -28.13 -2.28 35.68
C HIS B 191 -27.28 -1.04 35.92
N LYS B 192 -26.48 -1.10 36.98
CA LYS B 192 -25.59 -0.01 37.36
C LYS B 192 -24.11 -0.33 37.18
N VAL B 193 -23.68 -1.53 37.57
CA VAL B 193 -22.27 -1.89 37.57
C VAL B 193 -21.93 -2.63 36.30
N TYR B 194 -20.88 -2.18 35.61
CA TYR B 194 -20.42 -2.76 34.35
C TYR B 194 -18.93 -3.04 34.48
N ALA B 195 -18.55 -4.32 34.38
CA ALA B 195 -17.18 -4.74 34.64
C ALA B 195 -16.64 -5.53 33.46
N CYS B 196 -15.37 -5.33 33.17
CA CYS B 196 -14.60 -6.09 32.18
C CYS B 196 -13.50 -6.83 32.93
N GLU B 197 -13.47 -8.16 32.80
CA GLU B 197 -12.47 -8.99 33.48
C GLU B 197 -11.52 -9.60 32.47
N VAL B 198 -10.22 -9.41 32.69
CA VAL B 198 -9.17 -9.76 31.72
C VAL B 198 -8.19 -10.71 32.38
N THR B 199 -7.91 -11.83 31.69
CA THR B 199 -6.87 -12.75 32.10
C THR B 199 -5.86 -12.90 30.97
N HIS B 200 -4.57 -12.97 31.33
CA HIS B 200 -3.49 -13.00 30.34
C HIS B 200 -2.26 -13.71 30.90
N GLN B 201 -1.51 -14.32 29.97
CA GLN B 201 -0.32 -15.12 30.30
C GLN B 201 0.68 -14.36 31.14
N GLY B 202 0.71 -13.04 31.05
CA GLY B 202 1.59 -12.19 31.81
C GLY B 202 1.04 -11.66 33.11
N LEU B 203 -0.12 -12.12 33.55
CA LEU B 203 -0.83 -11.48 34.66
C LEU B 203 -0.83 -12.28 35.95
N SER B 204 -1.17 -13.58 35.89
CA SER B 204 -1.18 -14.49 37.05
C SER B 204 -2.33 -14.24 38.01
N SER B 205 -3.11 -13.18 37.78
CA SER B 205 -4.31 -12.91 38.54
C SER B 205 -5.24 -12.04 37.69
N PRO B 206 -6.46 -12.50 37.40
CA PRO B 206 -7.33 -11.74 36.48
C PRO B 206 -7.53 -10.29 36.93
N VAL B 207 -7.59 -9.40 35.94
CA VAL B 207 -7.67 -7.96 36.17
C VAL B 207 -9.07 -7.51 35.75
N THR B 208 -9.80 -6.90 36.67
CA THR B 208 -11.13 -6.37 36.41
C THR B 208 -11.10 -4.84 36.50
N LYS B 209 -11.63 -4.18 35.48
CA LYS B 209 -11.92 -2.74 35.53
C LYS B 209 -13.43 -2.56 35.37
N SER B 210 -14.00 -1.65 36.15
CA SER B 210 -15.44 -1.51 36.18
C SER B 210 -15.82 -0.05 36.43
N PHE B 211 -17.10 0.26 36.20
CA PHE B 211 -17.71 1.52 36.59
C PHE B 211 -19.13 1.23 37.04
N ASN B 212 -19.74 2.22 37.72
CA ASN B 212 -21.06 2.01 38.31
C ASN B 212 -22.03 3.17 38.10
N ARG B 213 -21.64 4.26 37.45
CA ARG B 213 -22.61 5.30 37.15
C ARG B 213 -23.56 4.82 36.05
N GLY B 214 -24.62 5.58 35.84
CA GLY B 214 -25.56 5.36 34.74
C GLY B 214 -25.77 3.94 34.23
N SER C 1 3.96 -8.52 -25.86
CA SER C 1 4.79 -7.82 -26.84
C SER C 1 5.97 -7.11 -26.18
N TYR C 2 6.55 -6.15 -26.90
CA TYR C 2 7.72 -5.41 -26.42
C TYR C 2 7.31 -4.14 -25.66
N VAL C 3 8.12 -3.79 -24.67
CA VAL C 3 8.02 -2.48 -24.04
C VAL C 3 9.07 -1.58 -24.65
N MET C 4 8.88 -0.27 -24.50
CA MET C 4 9.91 0.68 -24.88
C MET C 4 10.92 0.80 -23.75
N CYS C 5 12.21 0.71 -24.09
CA CYS C 5 13.26 0.91 -23.10
C CYS C 5 13.10 2.28 -22.45
N THR C 6 13.00 2.29 -21.11
CA THR C 6 12.95 3.54 -20.36
C THR C 6 14.25 3.86 -19.64
N GLY C 7 15.29 3.05 -19.82
CA GLY C 7 16.57 3.29 -19.19
C GLY C 7 17.45 4.19 -20.02
N SER C 8 18.68 4.35 -19.55
CA SER C 8 19.64 5.26 -20.18
C SER C 8 20.60 4.48 -21.07
N PHE C 9 20.99 5.12 -22.16
CA PHE C 9 21.96 4.60 -23.12
C PHE C 9 23.23 5.42 -23.06
N LYS C 10 24.37 4.77 -23.27
CA LYS C 10 25.64 5.47 -23.48
C LYS C 10 26.23 5.09 -24.84
N LEU C 11 26.95 6.03 -25.43
CA LEU C 11 27.68 5.77 -26.66
C LEU C 11 28.82 4.78 -26.38
N GLU C 12 28.81 3.63 -27.06
CA GLU C 12 29.88 2.66 -26.89
C GLU C 12 31.09 3.00 -27.74
N LYS C 13 30.86 3.31 -29.01
CA LYS C 13 31.89 3.82 -29.90
C LYS C 13 31.36 5.07 -30.58
N GLU C 14 32.27 5.79 -31.23
CA GLU C 14 31.94 7.06 -31.86
C GLU C 14 30.93 6.86 -32.98
N VAL C 15 30.05 7.86 -33.13
CA VAL C 15 29.21 7.94 -34.31
C VAL C 15 30.09 7.92 -35.55
N ALA C 16 29.62 7.27 -36.62
CA ALA C 16 30.43 7.13 -37.82
C ALA C 16 29.55 7.29 -39.05
N GLU C 17 30.06 8.04 -40.04
CA GLU C 17 29.33 8.28 -41.27
C GLU C 17 29.51 7.11 -42.24
N THR C 18 28.72 7.13 -43.30
CA THR C 18 28.76 6.09 -44.33
C THR C 18 28.75 6.72 -45.71
N GLN C 19 28.93 5.86 -46.72
CA GLN C 19 28.97 6.32 -48.10
C GLN C 19 27.67 7.00 -48.53
N HIS C 20 26.56 6.62 -47.90
CA HIS C 20 25.23 7.06 -48.32
C HIS C 20 24.57 7.99 -47.30
N GLY C 21 25.36 8.92 -46.74
CA GLY C 21 24.82 9.97 -45.90
C GLY C 21 24.20 9.55 -44.60
N THR C 22 24.36 8.30 -44.19
CA THR C 22 23.84 7.82 -42.92
C THR C 22 24.94 7.80 -41.86
N VAL C 23 24.52 7.68 -40.61
CA VAL C 23 25.44 7.62 -39.47
C VAL C 23 25.27 6.29 -38.77
N LEU C 24 26.35 5.81 -38.15
CA LEU C 24 26.36 4.55 -37.42
C LEU C 24 26.62 4.85 -35.94
N VAL C 25 25.60 4.67 -35.12
CA VAL C 25 25.68 4.89 -33.67
C VAL C 25 25.61 3.54 -32.99
N GLN C 26 26.63 3.21 -32.19
CA GLN C 26 26.60 2.04 -31.34
C GLN C 26 26.37 2.48 -29.91
N VAL C 27 25.31 1.93 -29.28
CA VAL C 27 24.94 2.28 -27.91
C VAL C 27 24.90 1.01 -27.07
N LYS C 28 25.30 1.15 -25.82
CA LYS C 28 25.12 0.11 -24.82
C LYS C 28 24.05 0.55 -23.84
N TYR C 29 23.13 -0.36 -23.52
CA TYR C 29 22.01 -0.07 -22.65
C TYR C 29 22.36 -0.39 -21.20
N GLU C 30 21.90 0.46 -20.29
CA GLU C 30 22.16 0.29 -18.87
C GLU C 30 20.95 -0.13 -18.07
N GLY C 31 19.76 -0.13 -18.66
CA GLY C 31 18.59 -0.59 -17.95
C GLY C 31 18.53 -2.10 -17.86
N THR C 32 17.56 -2.58 -17.08
CA THR C 32 17.35 -4.00 -16.89
C THR C 32 16.02 -4.46 -17.46
N ASP C 33 15.33 -3.61 -18.21
CA ASP C 33 14.03 -3.94 -18.77
C ASP C 33 14.13 -4.53 -20.17
N ALA C 34 15.34 -4.89 -20.60
CA ALA C 34 15.50 -5.61 -21.85
C ALA C 34 14.90 -7.01 -21.71
N PRO C 35 14.29 -7.56 -22.76
CA PRO C 35 14.09 -7.00 -24.11
C PRO C 35 13.18 -5.77 -24.15
N CYS C 36 13.56 -4.77 -24.94
CA CYS C 36 12.73 -3.57 -25.05
C CYS C 36 13.10 -2.84 -26.34
N LYS C 37 12.20 -1.96 -26.80
CA LYS C 37 12.43 -1.19 -28.02
C LYS C 37 13.18 0.09 -27.70
N ILE C 38 14.15 0.43 -28.53
CA ILE C 38 14.99 1.61 -28.33
C ILE C 38 14.27 2.85 -28.83
N PRO C 39 14.02 3.84 -27.97
CA PRO C 39 13.47 5.11 -28.46
C PRO C 39 14.52 5.84 -29.29
N PHE C 40 14.09 6.36 -30.44
CA PHE C 40 15.00 7.02 -31.36
C PHE C 40 14.27 8.19 -32.04
N SER C 41 14.96 9.33 -32.15
CA SER C 41 14.37 10.51 -32.76
C SER C 41 15.48 11.38 -33.31
N SER C 42 15.08 12.38 -34.10
CA SER C 42 16.02 13.28 -34.79
C SER C 42 15.60 14.73 -34.52
N GLN C 43 15.73 15.15 -33.25
CA GLN C 43 15.45 16.53 -32.90
C GLN C 43 16.31 17.48 -33.73
N ASP C 44 15.67 18.47 -34.35
CA ASP C 44 16.40 19.47 -35.11
C ASP C 44 17.14 20.41 -34.16
N GLU C 45 17.58 21.56 -34.65
CA GLU C 45 18.21 22.51 -33.77
C GLU C 45 17.20 23.30 -32.95
N LYS C 46 15.93 23.26 -33.32
CA LYS C 46 14.87 23.94 -32.57
C LYS C 46 14.41 23.13 -31.36
N GLY C 47 15.04 21.99 -31.07
CA GLY C 47 14.57 21.10 -30.03
C GLY C 47 13.36 20.26 -30.41
N VAL C 48 12.67 20.59 -31.49
CA VAL C 48 11.52 19.82 -31.92
C VAL C 48 12.00 18.59 -32.68
N THR C 49 11.43 17.43 -32.36
CA THR C 49 11.82 16.20 -33.02
C THR C 49 11.36 16.21 -34.48
N GLN C 50 12.05 15.44 -35.32
CA GLN C 50 11.79 15.42 -36.75
C GLN C 50 11.30 14.06 -37.19
N ASN C 51 10.77 14.02 -38.41
CA ASN C 51 9.94 12.92 -38.88
C ASN C 51 10.81 11.80 -39.45
N GLY C 52 10.63 10.58 -38.92
CA GLY C 52 11.33 9.40 -39.39
C GLY C 52 12.84 9.47 -39.28
N ARG C 53 13.51 9.33 -40.43
CA ARG C 53 14.95 9.42 -40.62
C ARG C 53 15.72 8.24 -40.02
N LEU C 54 15.03 7.28 -39.43
CA LEU C 54 15.68 6.08 -38.91
C LEU C 54 15.74 5.02 -40.00
N ILE C 55 16.94 4.50 -40.26
CA ILE C 55 17.11 3.46 -41.26
C ILE C 55 16.87 2.07 -40.69
N THR C 56 17.14 1.87 -39.40
CA THR C 56 16.93 0.58 -38.75
C THR C 56 15.46 0.40 -38.39
N ALA C 57 14.90 -0.74 -38.77
CA ALA C 57 13.50 -1.05 -38.48
C ALA C 57 13.40 -1.74 -37.13
N ASN C 58 12.69 -1.10 -36.19
CA ASN C 58 12.45 -1.62 -34.85
C ASN C 58 13.74 -2.03 -34.15
N PRO C 59 14.59 -1.10 -33.76
CA PRO C 59 15.78 -1.45 -32.98
C PRO C 59 15.40 -1.86 -31.56
N ILE C 60 16.01 -2.93 -31.08
CA ILE C 60 15.64 -3.56 -29.81
C ILE C 60 16.89 -3.93 -29.05
N VAL C 61 16.88 -3.70 -27.74
CA VAL C 61 17.89 -4.25 -26.85
C VAL C 61 17.43 -5.65 -26.45
N THR C 62 18.28 -6.66 -26.70
CA THR C 62 18.00 -8.02 -26.24
C THR C 62 18.70 -8.32 -24.92
N ASP C 63 19.90 -7.78 -24.75
CA ASP C 63 20.75 -8.04 -23.59
C ASP C 63 21.55 -6.79 -23.30
N LYS C 64 21.42 -6.27 -22.08
CA LYS C 64 22.01 -4.97 -21.76
C LYS C 64 23.54 -4.98 -21.84
N GLU C 65 24.18 -6.14 -21.97
CA GLU C 65 25.61 -6.18 -22.21
C GLU C 65 25.96 -6.33 -23.68
N LYS C 66 24.97 -6.58 -24.55
CA LYS C 66 25.22 -6.68 -25.98
C LYS C 66 24.92 -5.32 -26.61
N PRO C 67 25.93 -4.62 -27.14
CA PRO C 67 25.67 -3.34 -27.79
C PRO C 67 24.75 -3.49 -28.99
N VAL C 68 24.04 -2.41 -29.31
CA VAL C 68 23.07 -2.38 -30.40
C VAL C 68 23.50 -1.32 -31.40
N ASN C 69 23.73 -1.73 -32.64
CA ASN C 69 24.04 -0.80 -33.72
C ASN C 69 22.76 -0.22 -34.29
N ILE C 70 22.77 1.09 -34.53
CA ILE C 70 21.63 1.80 -35.10
C ILE C 70 22.12 2.64 -36.27
N GLU C 71 21.36 2.63 -37.37
CA GLU C 71 21.69 3.41 -38.55
C GLU C 71 20.61 4.46 -38.78
N ALA C 72 21.04 5.72 -38.94
CA ALA C 72 20.11 6.83 -39.11
C ALA C 72 20.57 7.71 -40.27
N GLU C 73 19.63 8.48 -40.81
CA GLU C 73 19.93 9.47 -41.84
C GLU C 73 19.57 10.84 -41.29
N PRO C 74 20.50 11.53 -40.64
CA PRO C 74 20.20 12.87 -40.12
C PRO C 74 19.96 13.85 -41.25
N PRO C 75 19.28 14.96 -40.97
CA PRO C 75 19.13 16.01 -41.99
C PRO C 75 20.43 16.73 -42.23
N PHE C 76 20.43 17.65 -43.20
CA PHE C 76 21.60 18.49 -43.41
C PHE C 76 21.66 19.58 -42.36
N GLY C 77 22.87 20.10 -42.13
CA GLY C 77 23.02 21.12 -41.12
C GLY C 77 23.00 20.53 -39.71
N GLU C 78 22.65 21.38 -38.76
CA GLU C 78 22.68 21.00 -37.36
C GLU C 78 21.43 20.20 -37.00
N SER C 79 21.64 19.11 -36.29
CA SER C 79 20.55 18.34 -35.72
C SER C 79 21.05 17.66 -34.45
N TYR C 80 20.15 16.94 -33.80
CA TYR C 80 20.50 16.09 -32.67
C TYR C 80 20.10 14.66 -33.01
N ILE C 81 20.92 13.71 -32.57
CA ILE C 81 20.58 12.30 -32.63
C ILE C 81 20.22 11.86 -31.22
N VAL C 82 18.97 11.46 -31.02
CA VAL C 82 18.41 11.27 -29.68
C VAL C 82 18.09 9.79 -29.52
N VAL C 83 18.78 9.15 -28.58
CA VAL C 83 18.55 7.75 -28.21
C VAL C 83 18.08 7.73 -26.76
N GLY C 84 17.01 7.00 -26.51
CA GLY C 84 16.41 6.97 -25.19
C GLY C 84 15.23 7.92 -25.07
N ALA C 85 14.50 7.78 -23.98
CA ALA C 85 13.22 8.46 -23.82
C ALA C 85 13.25 9.40 -22.63
N GLY C 86 12.51 10.51 -22.78
CA GLY C 86 12.30 11.49 -21.72
C GLY C 86 13.54 11.97 -21.01
N GLU C 87 13.64 11.63 -19.72
CA GLU C 87 14.67 12.21 -18.86
C GLU C 87 16.03 11.57 -19.07
N LYS C 88 16.05 10.31 -19.48
CA LYS C 88 17.27 9.55 -19.67
C LYS C 88 17.62 9.43 -21.15
N ALA C 89 17.55 10.55 -21.86
CA ALA C 89 17.74 10.59 -23.29
C ALA C 89 19.15 11.06 -23.61
N LEU C 90 19.86 10.27 -24.41
CA LEU C 90 21.16 10.64 -24.92
C LEU C 90 20.97 11.53 -26.15
N LYS C 91 21.48 12.75 -26.09
CA LYS C 91 21.21 13.77 -27.09
C LYS C 91 22.54 14.10 -27.80
N LEU C 92 22.76 13.48 -28.96
CA LEU C 92 24.02 13.60 -29.68
C LEU C 92 23.91 14.69 -30.74
N SER C 93 24.72 15.74 -30.60
CA SER C 93 24.76 16.80 -31.60
C SER C 93 25.42 16.30 -32.87
N TRP C 94 24.92 16.79 -34.01
CA TRP C 94 25.45 16.32 -35.29
C TRP C 94 25.41 17.45 -36.31
N PHE C 95 26.36 17.38 -37.25
CA PHE C 95 26.38 18.28 -38.40
C PHE C 95 26.62 17.42 -39.64
N LYS C 96 25.74 17.55 -40.62
CA LYS C 96 25.86 16.85 -41.89
C LYS C 96 26.20 17.88 -42.96
N LYS C 97 27.34 17.69 -43.62
CA LYS C 97 27.92 18.71 -44.48
C LYS C 97 27.29 18.68 -45.87
N GLY C 98 27.27 19.85 -46.52
CA GLY C 98 27.06 19.95 -47.95
C GLY C 98 25.64 19.83 -48.45
N SER C 99 24.74 20.65 -47.92
CA SER C 99 23.37 20.69 -48.42
C SER C 99 23.28 21.48 -49.72
#